data_4LQW
#
_entry.id   4LQW
#
_cell.length_a   142.180
_cell.length_b   38.260
_cell.length_c   123.810
_cell.angle_alpha   90.00
_cell.angle_beta   100.64
_cell.angle_gamma   90.00
#
_symmetry.space_group_name_H-M   'C 1 2 1'
#
loop_
_entity.id
_entity.type
_entity.pdbx_description
1 polymer 'E3 SUMO-protein ligase RanBP2'
2 polymer 'Capsid protein p24'
3 water water
#
loop_
_entity_poly.entity_id
_entity_poly.type
_entity_poly.pdbx_seq_one_letter_code
_entity_poly.pdbx_strand_id
1 'polypeptide(L)'
;MAHHHHHHMELSKETNPVVFFDVCADGEPLGRITMELFSNIVPRTAENFRALCTGEKGFGFKNSIFHRVIPDFVCQGGDI
TKHDGTGGQSIYGDKFEDENFDVKHTGPGLLSMANQGQNTNNSQFVITLKKAEHLDFKHVVFGFVKDGMDTVKKIESFGS
PKGSVCRRITITECGQI
;
A,B
2 'polypeptide(L)'
;PIVQNLQGQMVHQAISPRTLNAWVKVVEEKAFSPEVIPMFSALSEGATPQDLNTMLNTVGGHQAAMQMLKETINEEAAEW
DRLHPVHAGPIAPGQMREPRGSDIAGTTSTLQEQIGWMTHNPPIPVGEIYKRWIILGLNKIVRMYS
;
C,D
#
# COMPACT_ATOMS: atom_id res chain seq x y z
N MET A 9 -31.65 -27.23 -16.33
CA MET A 9 -31.92 -27.14 -14.86
C MET A 9 -33.39 -27.47 -14.59
N GLU A 10 -33.63 -28.44 -13.70
CA GLU A 10 -34.99 -28.92 -13.42
C GLU A 10 -35.71 -28.13 -12.31
N LEU A 11 -35.02 -27.13 -11.73
CA LEU A 11 -35.64 -26.23 -10.76
C LEU A 11 -36.30 -25.04 -11.43
N SER A 12 -36.09 -24.91 -12.75
CA SER A 12 -36.62 -23.79 -13.52
C SER A 12 -38.15 -23.81 -13.59
N LYS A 13 -38.74 -22.62 -13.64
CA LYS A 13 -40.19 -22.47 -13.80
C LYS A 13 -40.50 -21.23 -14.63
N GLU A 14 -41.59 -21.30 -15.40
CA GLU A 14 -41.99 -20.19 -16.27
C GLU A 14 -42.49 -18.99 -15.48
N THR A 15 -42.99 -19.24 -14.26
CA THR A 15 -43.53 -18.18 -13.41
C THR A 15 -42.46 -17.50 -12.54
N ASN A 16 -41.25 -18.06 -12.50
CA ASN A 16 -40.14 -17.43 -11.79
C ASN A 16 -39.78 -16.10 -12.44
N PRO A 17 -39.42 -15.09 -11.63
CA PRO A 17 -39.00 -13.81 -12.21
C PRO A 17 -37.74 -13.95 -13.05
N VAL A 18 -37.69 -13.21 -14.16
CA VAL A 18 -36.51 -13.16 -15.01
C VAL A 18 -35.98 -11.74 -15.04
N VAL A 19 -34.69 -11.58 -14.73
CA VAL A 19 -34.05 -10.26 -14.68
C VAL A 19 -32.80 -10.25 -15.54
N PHE A 20 -32.27 -9.07 -15.81
CA PHE A 20 -31.08 -8.94 -16.67
C PHE A 20 -30.09 -7.89 -16.19
N PHE A 21 -28.83 -8.09 -16.57
CA PHE A 21 -27.79 -7.08 -16.47
C PHE A 21 -27.24 -6.80 -17.86
N ASP A 22 -27.13 -5.53 -18.24
CA ASP A 22 -26.30 -5.13 -19.37
C ASP A 22 -24.98 -4.67 -18.77
N VAL A 23 -23.88 -5.26 -19.22
CA VAL A 23 -22.57 -5.03 -18.62
C VAL A 23 -21.60 -4.38 -19.61
N CYS A 24 -20.81 -3.43 -19.11
CA CYS A 24 -19.77 -2.77 -19.90
C CYS A 24 -18.44 -2.81 -19.15
N ALA A 25 -17.35 -2.86 -19.91
CA ALA A 25 -16.00 -2.79 -19.34
C ALA A 25 -15.32 -1.52 -19.86
N ASP A 26 -15.16 -0.53 -18.99
CA ASP A 26 -14.62 0.78 -19.36
C ASP A 26 -15.31 1.38 -20.58
N GLY A 27 -16.64 1.20 -20.66
CA GLY A 27 -17.43 1.73 -21.77
C GLY A 27 -17.67 0.75 -22.90
N GLU A 28 -16.83 -0.27 -23.01
CA GLU A 28 -16.96 -1.30 -24.05
C GLU A 28 -18.08 -2.27 -23.67
N PRO A 29 -19.12 -2.41 -24.53
CA PRO A 29 -20.20 -3.35 -24.21
C PRO A 29 -19.74 -4.81 -24.19
N LEU A 30 -20.18 -5.55 -23.18
CA LEU A 30 -19.88 -6.98 -23.06
C LEU A 30 -21.09 -7.87 -23.35
N GLY A 31 -22.29 -7.29 -23.37
CA GLY A 31 -23.51 -8.03 -23.66
C GLY A 31 -24.43 -8.11 -22.46
N ARG A 32 -25.51 -8.88 -22.61
CA ARG A 32 -26.54 -9.01 -21.58
C ARG A 32 -26.46 -10.35 -20.86
N ILE A 33 -26.56 -10.30 -19.53
CA ILE A 33 -26.72 -11.50 -18.71
C ILE A 33 -28.19 -11.58 -18.31
N THR A 34 -28.84 -12.69 -18.64
CA THR A 34 -30.25 -12.90 -18.29
C THR A 34 -30.34 -14.00 -17.23
N MET A 35 -31.00 -13.69 -16.11
CA MET A 35 -31.04 -14.56 -14.95
C MET A 35 -32.47 -14.90 -14.52
N GLU A 36 -32.70 -16.16 -14.18
CA GLU A 36 -33.95 -16.60 -13.57
C GLU A 36 -33.71 -16.75 -12.07
N LEU A 37 -34.66 -16.27 -11.27
CA LEU A 37 -34.54 -16.31 -9.81
C LEU A 37 -35.48 -17.36 -9.24
N PHE A 38 -34.96 -18.22 -8.36
CA PHE A 38 -35.73 -19.34 -7.81
C PHE A 38 -36.70 -18.89 -6.72
N SER A 39 -37.76 -18.18 -7.12
CA SER A 39 -38.81 -17.77 -6.19
C SER A 39 -39.54 -18.98 -5.61
N ASN A 40 -39.56 -20.07 -6.39
CA ASN A 40 -40.13 -21.34 -5.94
C ASN A 40 -39.36 -22.03 -4.80
N ILE A 41 -38.11 -21.65 -4.60
CA ILE A 41 -37.28 -22.22 -3.53
C ILE A 41 -36.95 -21.19 -2.45
N VAL A 42 -36.51 -20.00 -2.87
CA VAL A 42 -36.08 -18.95 -1.94
C VAL A 42 -36.75 -17.61 -2.31
N PRO A 43 -38.07 -17.48 -2.02
CA PRO A 43 -38.83 -16.30 -2.43
C PRO A 43 -38.34 -14.98 -1.85
N ARG A 44 -37.90 -14.99 -0.59
CA ARG A 44 -37.43 -13.77 0.07
C ARG A 44 -36.13 -13.28 -0.54
N THR A 45 -35.19 -14.19 -0.77
CA THR A 45 -33.91 -13.84 -1.36
C THR A 45 -34.08 -13.46 -2.83
N ALA A 46 -34.94 -14.18 -3.54
CA ALA A 46 -35.27 -13.88 -4.93
C ALA A 46 -35.92 -12.50 -5.08
N GLU A 47 -36.85 -12.17 -4.18
CA GLU A 47 -37.54 -10.88 -4.20
C GLU A 47 -36.58 -9.71 -3.99
N ASN A 48 -35.62 -9.86 -3.07
CA ASN A 48 -34.59 -8.85 -2.86
C ASN A 48 -33.84 -8.56 -4.16
N PHE A 49 -33.33 -9.62 -4.79
CA PHE A 49 -32.56 -9.48 -6.02
C PHE A 49 -33.39 -8.85 -7.13
N ARG A 50 -34.63 -9.30 -7.28
CA ARG A 50 -35.55 -8.78 -8.30
C ARG A 50 -35.76 -7.27 -8.12
N ALA A 51 -36.08 -6.87 -6.89
CA ALA A 51 -36.33 -5.46 -6.57
C ALA A 51 -35.09 -4.59 -6.83
N LEU A 52 -33.91 -5.12 -6.54
CA LEU A 52 -32.65 -4.40 -6.77
C LEU A 52 -32.36 -4.25 -8.26
N CYS A 53 -32.84 -5.18 -9.09
CA CYS A 53 -32.68 -5.06 -10.54
C CYS A 53 -33.58 -3.97 -11.11
N THR A 54 -34.82 -3.89 -10.64
CA THR A 54 -35.76 -2.86 -11.11
C THR A 54 -35.48 -1.49 -10.51
N GLY A 55 -34.93 -1.46 -9.29
CA GLY A 55 -34.70 -0.22 -8.56
C GLY A 55 -35.98 0.42 -8.05
N GLU A 56 -37.03 -0.38 -7.90
CA GLU A 56 -38.35 0.14 -7.50
C GLU A 56 -38.43 0.64 -6.06
N LYS A 57 -37.47 0.23 -5.22
CA LYS A 57 -37.41 0.71 -3.83
C LYS A 57 -36.62 2.01 -3.69
N GLY A 58 -36.08 2.52 -4.79
CA GLY A 58 -35.31 3.77 -4.79
C GLY A 58 -33.81 3.54 -4.80
N PHE A 59 -33.39 2.28 -4.84
CA PHE A 59 -31.97 1.92 -4.93
C PHE A 59 -31.84 0.53 -5.57
N GLY A 60 -30.66 0.24 -6.09
CA GLY A 60 -30.47 -1.03 -6.80
C GLY A 60 -29.13 -1.18 -7.48
N PHE A 61 -29.04 -2.16 -8.38
CA PHE A 61 -27.80 -2.53 -9.04
C PHE A 61 -27.36 -1.58 -10.15
N LYS A 62 -28.26 -0.73 -10.63
CA LYS A 62 -27.93 0.24 -11.68
C LYS A 62 -26.63 0.96 -11.35
N ASN A 63 -25.66 0.90 -12.27
CA ASN A 63 -24.35 1.54 -12.11
C ASN A 63 -23.44 0.98 -11.01
N SER A 64 -23.79 -0.18 -10.45
CA SER A 64 -22.89 -0.89 -9.55
C SER A 64 -21.86 -1.63 -10.39
N ILE A 65 -20.80 -2.12 -9.76
CA ILE A 65 -19.70 -2.78 -10.47
C ILE A 65 -19.40 -4.17 -9.95
N PHE A 66 -18.67 -4.94 -10.75
CA PHE A 66 -18.09 -6.20 -10.30
C PHE A 66 -16.71 -5.92 -9.73
N HIS A 67 -16.66 -5.70 -8.42
CA HIS A 67 -15.45 -5.27 -7.72
C HIS A 67 -14.45 -6.40 -7.47
N ARG A 68 -14.91 -7.65 -7.58
CA ARG A 68 -14.08 -8.81 -7.25
C ARG A 68 -14.37 -9.95 -8.22
N VAL A 69 -13.34 -10.36 -8.96
CA VAL A 69 -13.47 -11.45 -9.93
C VAL A 69 -12.29 -12.40 -9.78
N ILE A 70 -12.59 -13.64 -9.39
CA ILE A 70 -11.57 -14.68 -9.27
C ILE A 70 -11.86 -15.75 -10.33
N PRO A 71 -11.03 -15.80 -11.40
CA PRO A 71 -11.24 -16.77 -12.47
C PRO A 71 -11.37 -18.22 -12.01
N ASP A 72 -12.26 -18.95 -12.67
CA ASP A 72 -12.58 -20.33 -12.34
C ASP A 72 -13.28 -20.46 -10.96
N PHE A 73 -13.77 -19.35 -10.41
CA PHE A 73 -14.47 -19.36 -9.13
C PHE A 73 -15.73 -18.49 -9.16
N VAL A 74 -15.56 -17.17 -9.11
CA VAL A 74 -16.72 -16.26 -9.05
C VAL A 74 -16.50 -14.92 -9.76
N CYS A 75 -17.59 -14.34 -10.23
CA CYS A 75 -17.68 -12.92 -10.56
C CYS A 75 -18.58 -12.30 -9.50
N GLN A 76 -18.01 -11.42 -8.67
CA GLN A 76 -18.75 -10.85 -7.55
C GLN A 76 -19.02 -9.35 -7.73
N GLY A 77 -20.25 -8.95 -7.40
CA GLY A 77 -20.65 -7.55 -7.45
C GLY A 77 -21.77 -7.28 -6.46
N GLY A 78 -22.53 -6.22 -6.69
CA GLY A 78 -23.69 -5.89 -5.88
C GLY A 78 -23.42 -5.07 -4.62
N ASP A 79 -22.20 -4.57 -4.47
CA ASP A 79 -21.91 -3.64 -3.36
C ASP A 79 -22.38 -2.25 -3.77
N ILE A 80 -23.67 -2.00 -3.58
CA ILE A 80 -24.31 -0.77 -4.07
C ILE A 80 -24.06 0.46 -3.19
N THR A 81 -23.38 0.30 -2.07
CA THR A 81 -23.10 1.43 -1.17
C THR A 81 -21.61 1.84 -1.16
N LYS A 82 -20.70 0.88 -1.13
CA LYS A 82 -19.26 1.17 -1.08
C LYS A 82 -18.48 0.75 -2.33
N HIS A 83 -19.08 -0.09 -3.17
CA HIS A 83 -18.50 -0.52 -4.45
C HIS A 83 -17.11 -1.16 -4.32
N ASP A 84 -16.82 -1.80 -3.17
CA ASP A 84 -15.53 -2.45 -2.95
C ASP A 84 -15.59 -3.73 -2.11
N GLY A 85 -16.79 -4.19 -1.76
CA GLY A 85 -16.97 -5.40 -0.96
C GLY A 85 -17.20 -5.17 0.52
N THR A 86 -17.05 -3.93 0.98
CA THR A 86 -17.24 -3.58 2.39
C THR A 86 -18.67 -3.15 2.73
N GLY A 87 -19.50 -2.96 1.71
CA GLY A 87 -20.84 -2.42 1.90
C GLY A 87 -21.95 -3.32 1.38
N GLY A 88 -23.08 -2.72 1.02
CA GLY A 88 -24.23 -3.45 0.51
C GLY A 88 -25.49 -3.12 1.30
N GLN A 89 -26.64 -3.35 0.67
CA GLN A 89 -27.93 -2.97 1.27
C GLN A 89 -29.07 -3.73 0.61
N SER A 90 -29.85 -4.47 1.40
CA SER A 90 -31.01 -5.19 0.89
C SER A 90 -32.29 -4.38 1.10
N ILE A 91 -33.38 -4.86 0.50
CA ILE A 91 -34.70 -4.26 0.72
C ILE A 91 -35.22 -4.52 2.14
N TYR A 92 -34.60 -5.47 2.85
CA TYR A 92 -34.99 -5.82 4.22
C TYR A 92 -34.09 -5.17 5.28
N GLY A 93 -33.03 -4.49 4.85
CA GLY A 93 -32.02 -3.95 5.77
C GLY A 93 -30.62 -4.16 5.22
N ASP A 94 -29.61 -3.76 6.00
CA ASP A 94 -28.21 -4.02 5.60
C ASP A 94 -27.78 -5.45 5.93
N LYS A 95 -28.66 -6.17 6.64
CA LYS A 95 -28.47 -7.60 6.87
C LYS A 95 -29.83 -8.30 6.87
N PHE A 96 -29.88 -9.49 6.27
CA PHE A 96 -31.04 -10.37 6.44
C PHE A 96 -30.60 -11.84 6.46
N GLU A 97 -31.45 -12.68 7.04
CA GLU A 97 -31.05 -14.04 7.39
C GLU A 97 -30.92 -14.96 6.18
N ASP A 98 -30.15 -16.03 6.37
CA ASP A 98 -30.04 -17.06 5.35
C ASP A 98 -31.38 -17.78 5.28
N GLU A 99 -32.00 -17.77 4.10
CA GLU A 99 -33.36 -18.29 3.93
C GLU A 99 -33.35 -19.82 3.99
N ASN A 100 -32.60 -20.44 3.08
CA ASN A 100 -32.29 -21.87 3.16
C ASN A 100 -31.07 -22.20 2.30
N PHE A 101 -30.58 -23.42 2.42
CA PHE A 101 -29.45 -23.87 1.63
C PHE A 101 -29.85 -25.07 0.76
N ASP A 102 -31.09 -25.05 0.28
CA ASP A 102 -31.64 -26.16 -0.50
C ASP A 102 -30.85 -26.38 -1.79
N VAL A 103 -30.65 -25.31 -2.56
CA VAL A 103 -29.94 -25.38 -3.84
C VAL A 103 -28.43 -25.31 -3.60
N LYS A 104 -27.70 -26.27 -4.15
CA LYS A 104 -26.26 -26.37 -3.92
C LYS A 104 -25.44 -25.76 -5.07
N HIS A 105 -24.17 -25.53 -4.81
CA HIS A 105 -23.26 -24.93 -5.79
C HIS A 105 -22.69 -26.01 -6.71
N THR A 106 -23.54 -26.52 -7.59
CA THR A 106 -23.24 -27.72 -8.38
C THR A 106 -22.46 -27.46 -9.67
N GLY A 107 -22.40 -26.20 -10.11
CA GLY A 107 -21.72 -25.88 -11.36
C GLY A 107 -21.66 -24.39 -11.67
N PRO A 108 -21.20 -24.04 -12.88
CA PRO A 108 -21.11 -22.63 -13.27
C PRO A 108 -22.47 -22.00 -13.55
N GLY A 109 -22.51 -20.67 -13.56
CA GLY A 109 -23.70 -19.92 -13.93
C GLY A 109 -24.79 -19.85 -12.89
N LEU A 110 -24.45 -20.09 -11.63
CA LEU A 110 -25.41 -20.01 -10.52
C LEU A 110 -25.28 -18.67 -9.81
N LEU A 111 -26.42 -18.15 -9.34
CA LEU A 111 -26.44 -16.94 -8.53
C LEU A 111 -26.43 -17.32 -7.05
N SER A 112 -25.47 -16.77 -6.32
CA SER A 112 -25.34 -17.05 -4.89
C SER A 112 -25.03 -15.80 -4.11
N MET A 113 -25.61 -15.68 -2.92
CA MET A 113 -25.43 -14.51 -2.07
C MET A 113 -24.05 -14.47 -1.44
N ALA A 114 -23.39 -13.32 -1.57
CA ALA A 114 -22.16 -13.05 -0.83
C ALA A 114 -22.54 -12.69 0.60
N ASN A 115 -21.63 -12.91 1.55
CA ASN A 115 -21.88 -12.57 2.94
C ASN A 115 -20.60 -12.51 3.77
N GLN A 116 -20.72 -12.05 5.01
CA GLN A 116 -19.61 -12.02 5.97
C GLN A 116 -19.88 -12.96 7.14
N GLY A 117 -20.51 -14.10 6.85
CA GLY A 117 -20.90 -15.06 7.88
C GLY A 117 -22.41 -15.25 7.93
N GLN A 118 -22.88 -15.86 9.02
CA GLN A 118 -24.29 -16.19 9.21
CA GLN A 118 -24.29 -16.19 9.18
C GLN A 118 -25.20 -14.96 9.18
N ASN A 119 -26.28 -15.03 8.41
CA ASN A 119 -27.30 -13.98 8.37
C ASN A 119 -26.75 -12.58 8.16
N THR A 120 -25.88 -12.42 7.16
CA THR A 120 -25.33 -11.10 6.81
C THR A 120 -25.54 -10.80 5.31
N ASN A 121 -26.61 -11.34 4.74
CA ASN A 121 -26.93 -11.09 3.34
C ASN A 121 -27.42 -9.66 3.16
N ASN A 122 -26.99 -9.03 2.07
CA ASN A 122 -27.53 -7.72 1.68
C ASN A 122 -27.80 -7.64 0.18
N SER A 123 -26.93 -6.97 -0.57
CA SER A 123 -27.08 -6.86 -2.02
C SER A 123 -25.98 -7.56 -2.80
N GLN A 124 -24.86 -7.87 -2.14
CA GLN A 124 -23.72 -8.48 -2.82
C GLN A 124 -24.05 -9.91 -3.25
N PHE A 125 -23.64 -10.23 -4.47
CA PHE A 125 -23.95 -11.53 -5.07
C PHE A 125 -22.76 -12.04 -5.86
N VAL A 126 -22.83 -13.32 -6.21
CA VAL A 126 -21.81 -13.99 -7.00
C VAL A 126 -22.47 -14.71 -8.17
N ILE A 127 -21.82 -14.67 -9.33
CA ILE A 127 -22.11 -15.61 -10.42
C ILE A 127 -20.98 -16.62 -10.45
N THR A 128 -21.31 -17.89 -10.25
CA THR A 128 -20.30 -18.94 -10.17
C THR A 128 -19.70 -19.24 -11.54
N LEU A 129 -18.41 -19.54 -11.56
CA LEU A 129 -17.69 -19.93 -12.77
C LEU A 129 -17.34 -21.42 -12.75
N LYS A 130 -17.60 -22.09 -11.64
CA LYS A 130 -17.30 -23.50 -11.46
C LYS A 130 -18.09 -24.04 -10.28
N LYS A 131 -18.27 -25.37 -10.24
CA LYS A 131 -18.82 -26.04 -9.07
C LYS A 131 -18.03 -25.62 -7.83
N ALA A 132 -18.74 -25.27 -6.75
CA ALA A 132 -18.11 -24.73 -5.55
C ALA A 132 -18.78 -25.27 -4.29
N GLU A 133 -18.71 -26.59 -4.11
CA GLU A 133 -19.34 -27.28 -2.98
C GLU A 133 -18.93 -26.75 -1.60
N HIS A 134 -17.75 -26.16 -1.49
CA HIS A 134 -17.28 -25.58 -0.22
C HIS A 134 -18.10 -24.35 0.23
N LEU A 135 -18.94 -23.81 -0.66
CA LEU A 135 -19.86 -22.73 -0.30
C LEU A 135 -21.22 -23.24 0.19
N ASP A 136 -21.48 -24.54 0.00
CA ASP A 136 -22.76 -25.12 0.42
C ASP A 136 -22.94 -25.00 1.93
N PHE A 137 -24.18 -24.76 2.36
CA PHE A 137 -24.52 -24.52 3.77
C PHE A 137 -23.95 -23.22 4.34
N LYS A 138 -23.38 -22.38 3.48
CA LYS A 138 -22.80 -21.09 3.88
C LYS A 138 -23.32 -19.92 3.04
N HIS A 139 -23.57 -20.16 1.76
CA HIS A 139 -24.12 -19.13 0.87
C HIS A 139 -25.42 -19.62 0.22
N VAL A 140 -26.40 -18.73 0.14
CA VAL A 140 -27.72 -19.07 -0.39
C VAL A 140 -27.74 -18.93 -1.91
N VAL A 141 -27.95 -20.05 -2.60
CA VAL A 141 -28.12 -20.05 -4.05
C VAL A 141 -29.57 -19.74 -4.38
N PHE A 142 -29.78 -18.75 -5.25
CA PHE A 142 -31.14 -18.22 -5.50
C PHE A 142 -31.50 -18.05 -6.98
N GLY A 143 -30.67 -18.54 -7.89
CA GLY A 143 -30.96 -18.40 -9.31
C GLY A 143 -29.86 -18.93 -10.20
N PHE A 144 -30.02 -18.73 -11.51
CA PHE A 144 -28.99 -19.13 -12.47
C PHE A 144 -29.02 -18.26 -13.72
N VAL A 145 -27.90 -18.27 -14.44
CA VAL A 145 -27.79 -17.53 -15.70
C VAL A 145 -28.51 -18.31 -16.80
N LYS A 146 -29.63 -17.76 -17.27
CA LYS A 146 -30.47 -18.38 -18.30
C LYS A 146 -29.84 -18.22 -19.68
N ASP A 147 -29.26 -17.04 -19.91
CA ASP A 147 -28.55 -16.76 -21.16
C ASP A 147 -27.46 -15.73 -20.91
N GLY A 148 -26.46 -15.70 -21.77
CA GLY A 148 -25.39 -14.72 -21.70
C GLY A 148 -24.25 -15.13 -20.78
N MET A 149 -23.94 -16.42 -20.74
CA MET A 149 -22.76 -16.90 -20.02
C MET A 149 -21.48 -16.44 -20.74
N ASP A 150 -21.58 -16.17 -22.04
CA ASP A 150 -20.48 -15.58 -22.79
C ASP A 150 -20.06 -14.22 -22.22
N THR A 151 -21.04 -13.44 -21.77
CA THR A 151 -20.76 -12.16 -21.10
C THR A 151 -20.07 -12.41 -19.76
N VAL A 152 -20.51 -13.43 -19.03
CA VAL A 152 -19.91 -13.79 -17.76
C VAL A 152 -18.44 -14.21 -17.93
N LYS A 153 -18.15 -14.93 -19.01
CA LYS A 153 -16.78 -15.36 -19.31
C LYS A 153 -15.89 -14.18 -19.70
N LYS A 154 -16.46 -13.17 -20.37
CA LYS A 154 -15.73 -11.94 -20.66
C LYS A 154 -15.35 -11.21 -19.38
N ILE A 155 -16.28 -11.18 -18.42
CA ILE A 155 -16.02 -10.60 -17.11
C ILE A 155 -14.90 -11.36 -16.40
N GLU A 156 -14.94 -12.69 -16.50
CA GLU A 156 -13.93 -13.55 -15.87
C GLU A 156 -12.52 -13.21 -16.32
N SER A 157 -12.36 -12.92 -17.61
CA SER A 157 -11.04 -12.64 -18.21
C SER A 157 -10.36 -11.40 -17.63
N PHE A 158 -11.13 -10.51 -17.01
CA PHE A 158 -10.56 -9.29 -16.39
C PHE A 158 -10.21 -9.48 -14.91
N GLY A 159 -10.37 -10.70 -14.40
CA GLY A 159 -10.10 -10.99 -12.99
C GLY A 159 -8.70 -11.51 -12.72
N SER A 160 -8.44 -11.81 -11.45
CA SER A 160 -7.15 -12.35 -11.00
C SER A 160 -7.37 -13.25 -9.80
N PRO A 161 -6.39 -14.12 -9.47
CA PRO A 161 -6.55 -15.03 -8.32
C PRO A 161 -6.94 -14.35 -7.00
N LYS A 162 -6.39 -13.18 -6.73
CA LYS A 162 -6.70 -12.44 -5.50
C LYS A 162 -7.98 -11.60 -5.60
N GLY A 163 -8.56 -11.53 -6.80
CA GLY A 163 -9.86 -10.87 -7.00
C GLY A 163 -9.82 -9.52 -7.67
N SER A 164 -8.62 -8.93 -7.78
CA SER A 164 -8.46 -7.61 -8.40
C SER A 164 -8.90 -7.64 -9.86
N VAL A 165 -9.54 -6.57 -10.30
CA VAL A 165 -10.01 -6.45 -11.68
C VAL A 165 -9.20 -5.39 -12.44
N CYS A 166 -8.88 -5.68 -13.69
CA CYS A 166 -8.06 -4.79 -14.51
C CYS A 166 -8.91 -3.87 -15.41
N ARG A 167 -10.23 -3.93 -15.25
CA ARG A 167 -11.14 -3.01 -15.91
C ARG A 167 -12.30 -2.67 -14.98
N ARG A 168 -12.90 -1.50 -15.17
CA ARG A 168 -14.10 -1.12 -14.43
C ARG A 168 -15.30 -1.77 -15.11
N ILE A 169 -15.86 -2.79 -14.46
CA ILE A 169 -16.95 -3.58 -15.02
C ILE A 169 -18.26 -3.13 -14.40
N THR A 170 -19.03 -2.34 -15.14
CA THR A 170 -20.22 -1.69 -14.61
C THR A 170 -21.51 -2.28 -15.18
N ILE A 171 -22.49 -2.50 -14.30
CA ILE A 171 -23.85 -2.83 -14.72
C ILE A 171 -24.51 -1.54 -15.18
N THR A 172 -24.44 -1.28 -16.49
CA THR A 172 -24.92 -0.02 -17.06
C THR A 172 -26.44 0.04 -17.17
N GLU A 173 -27.08 -1.12 -17.23
CA GLU A 173 -28.54 -1.20 -17.23
C GLU A 173 -29.00 -2.51 -16.63
N CYS A 174 -30.13 -2.47 -15.91
CA CYS A 174 -30.71 -3.67 -15.32
C CYS A 174 -32.21 -3.52 -15.10
N GLY A 175 -32.89 -4.65 -14.94
CA GLY A 175 -34.33 -4.63 -14.77
C GLY A 175 -34.93 -6.03 -14.81
N GLN A 176 -36.25 -6.08 -14.94
CA GLN A 176 -37.00 -7.33 -15.02
C GLN A 176 -37.66 -7.45 -16.38
N ILE A 177 -37.62 -8.63 -16.97
CA ILE A 177 -38.24 -8.89 -18.27
C ILE A 177 -39.70 -9.29 -18.08
N MET B 9 32.94 27.19 13.60
CA MET B 9 33.72 26.24 12.75
C MET B 9 35.17 26.70 12.57
N GLU B 10 36.01 25.77 12.12
CA GLU B 10 37.43 26.04 11.89
C GLU B 10 37.65 26.76 10.56
N LEU B 11 36.68 26.66 9.65
CA LEU B 11 36.79 27.20 8.31
C LEU B 11 36.24 28.63 8.20
N SER B 12 35.87 29.22 9.34
CA SER B 12 35.32 30.58 9.36
C SER B 12 36.41 31.61 9.11
N LYS B 13 36.12 32.60 8.27
CA LYS B 13 37.04 33.70 7.98
C LYS B 13 36.27 35.01 7.88
N GLU B 14 36.92 36.11 8.27
CA GLU B 14 36.26 37.42 8.31
C GLU B 14 35.98 38.01 6.92
N THR B 15 36.67 37.49 5.90
CA THR B 15 36.43 37.92 4.52
C THR B 15 35.20 37.23 3.90
N ASN B 16 34.72 36.17 4.52
CA ASN B 16 33.53 35.47 4.03
C ASN B 16 32.28 36.33 4.07
N PRO B 17 31.39 36.20 3.07
CA PRO B 17 30.12 36.92 3.10
C PRO B 17 29.23 36.50 4.27
N VAL B 18 28.54 37.47 4.86
CA VAL B 18 27.58 37.22 5.93
C VAL B 18 26.20 37.69 5.46
N VAL B 19 25.21 36.80 5.52
CA VAL B 19 23.85 37.09 5.08
C VAL B 19 22.85 36.75 6.18
N PHE B 20 21.60 37.17 6.00
CA PHE B 20 20.57 36.95 7.02
C PHE B 20 19.19 36.66 6.45
N PHE B 21 18.40 35.91 7.22
CA PHE B 21 16.96 35.75 6.98
C PHE B 21 16.21 36.24 8.20
N ASP B 22 15.22 37.11 7.97
CA ASP B 22 14.21 37.40 8.99
C ASP B 22 13.02 36.52 8.67
N VAL B 23 12.62 35.69 9.63
CA VAL B 23 11.60 34.66 9.39
C VAL B 23 10.35 34.92 10.22
N CYS B 24 9.19 34.67 9.62
CA CYS B 24 7.90 34.79 10.29
C CYS B 24 7.07 33.53 10.12
N ALA B 25 6.18 33.29 11.08
CA ALA B 25 5.23 32.17 11.02
C ALA B 25 3.82 32.74 11.00
N ASP B 26 3.15 32.65 9.84
CA ASP B 26 1.83 33.23 9.64
C ASP B 26 1.77 34.70 10.10
N GLY B 27 2.81 35.46 9.77
CA GLY B 27 2.87 36.88 10.12
C GLY B 27 3.55 37.21 11.44
N GLU B 28 3.76 36.20 12.29
CA GLU B 28 4.36 36.39 13.61
C GLU B 28 5.88 36.21 13.51
N PRO B 29 6.67 37.23 13.92
CA PRO B 29 8.13 37.13 13.83
C PRO B 29 8.74 36.03 14.69
N LEU B 30 9.64 35.25 14.10
CA LEU B 30 10.40 34.21 14.82
C LEU B 30 11.81 34.66 15.18
N GLY B 31 12.36 35.61 14.42
CA GLY B 31 13.69 36.14 14.68
C GLY B 31 14.58 36.14 13.45
N ARG B 32 15.85 36.51 13.64
CA ARG B 32 16.82 36.58 12.56
C ARG B 32 17.78 35.40 12.58
N ILE B 33 18.00 34.78 11.42
CA ILE B 33 19.04 33.78 11.23
C ILE B 33 20.20 34.47 10.51
N THR B 34 21.38 34.45 11.12
CA THR B 34 22.59 35.04 10.51
C THR B 34 23.53 33.92 10.08
N MET B 35 23.97 33.96 8.83
CA MET B 35 24.74 32.88 8.23
C MET B 35 26.04 33.38 7.59
N GLU B 36 27.12 32.63 7.78
CA GLU B 36 28.38 32.88 7.08
C GLU B 36 28.52 31.85 5.96
N LEU B 37 28.96 32.32 4.79
CA LEU B 37 29.09 31.47 3.61
C LEU B 37 30.55 31.15 3.34
N PHE B 38 30.87 29.88 3.09
CA PHE B 38 32.26 29.45 2.90
C PHE B 38 32.78 29.77 1.49
N SER B 39 32.96 31.07 1.22
CA SER B 39 33.55 31.51 -0.04
C SER B 39 34.98 31.02 -0.20
N ASN B 40 35.66 30.80 0.93
CA ASN B 40 37.00 30.21 0.93
C ASN B 40 37.06 28.74 0.49
N ILE B 41 35.94 28.03 0.53
CA ILE B 41 35.89 26.62 0.16
C ILE B 41 35.05 26.37 -1.10
N VAL B 42 33.85 26.96 -1.15
CA VAL B 42 32.95 26.81 -2.29
C VAL B 42 32.47 28.18 -2.78
N PRO B 43 33.36 28.95 -3.44
CA PRO B 43 33.04 30.33 -3.85
C PRO B 43 31.83 30.46 -4.79
N ARG B 44 31.72 29.55 -5.76
CA ARG B 44 30.63 29.59 -6.73
C ARG B 44 29.27 29.33 -6.08
N THR B 45 29.22 28.37 -5.17
CA THR B 45 27.99 28.04 -4.46
C THR B 45 27.65 29.12 -3.44
N ALA B 46 28.67 29.62 -2.74
CA ALA B 46 28.49 30.73 -1.80
C ALA B 46 27.97 31.99 -2.49
N GLU B 47 28.52 32.30 -3.65
CA GLU B 47 28.12 33.49 -4.42
C GLU B 47 26.64 33.42 -4.84
N ASN B 48 26.19 32.26 -5.28
CA ASN B 48 24.78 32.06 -5.64
C ASN B 48 23.87 32.40 -4.48
N PHE B 49 24.14 31.79 -3.33
CA PHE B 49 23.32 32.00 -2.13
C PHE B 49 23.35 33.46 -1.69
N ARG B 50 24.52 34.08 -1.75
CA ARG B 50 24.68 35.48 -1.37
C ARG B 50 23.83 36.39 -2.25
N ALA B 51 23.91 36.19 -3.56
CA ALA B 51 23.15 36.99 -4.52
C ALA B 51 21.64 36.80 -4.34
N LEU B 52 21.22 35.58 -4.04
CA LEU B 52 19.82 35.28 -3.80
C LEU B 52 19.30 35.95 -2.52
N CYS B 53 20.19 36.19 -1.55
CA CYS B 53 19.82 36.92 -0.33
C CYS B 53 19.63 38.42 -0.62
N THR B 54 20.56 39.00 -1.37
CA THR B 54 20.47 40.43 -1.72
C THR B 54 19.38 40.72 -2.73
N GLY B 55 19.13 39.78 -3.64
CA GLY B 55 18.17 39.95 -4.73
C GLY B 55 18.68 40.87 -5.82
N GLU B 56 20.01 40.99 -5.91
CA GLU B 56 20.64 41.92 -6.84
C GLU B 56 20.54 41.53 -8.32
N LYS B 57 20.23 40.26 -8.59
CA LYS B 57 20.02 39.79 -9.97
C LYS B 57 18.56 39.95 -10.43
N GLY B 58 17.68 40.42 -9.55
CA GLY B 58 16.27 40.61 -9.88
C GLY B 58 15.34 39.53 -9.35
N PHE B 59 15.93 38.52 -8.71
CA PHE B 59 15.16 37.45 -8.06
C PHE B 59 15.95 36.94 -6.85
N GLY B 60 15.26 36.33 -5.89
CA GLY B 60 15.92 35.85 -4.67
C GLY B 60 15.01 35.23 -3.63
N PHE B 61 15.55 35.07 -2.42
CA PHE B 61 14.85 34.40 -1.31
C PHE B 61 13.73 35.23 -0.69
N LYS B 62 13.69 36.54 -0.97
CA LYS B 62 12.66 37.42 -0.42
C LYS B 62 11.27 36.84 -0.66
N ASN B 63 10.51 36.66 0.44
CA ASN B 63 9.15 36.12 0.40
C ASN B 63 9.03 34.62 0.08
N SER B 64 10.16 33.90 0.00
CA SER B 64 10.15 32.45 -0.17
C SER B 64 9.80 31.80 1.16
N ILE B 65 9.43 30.52 1.12
CA ILE B 65 9.00 29.80 2.33
C ILE B 65 9.84 28.55 2.59
N PHE B 66 9.79 28.08 3.82
CA PHE B 66 10.32 26.77 4.19
C PHE B 66 9.22 25.73 3.97
N HIS B 67 9.21 25.14 2.78
CA HIS B 67 8.14 24.23 2.36
C HIS B 67 8.27 22.83 2.95
N ARG B 68 9.44 22.51 3.49
CA ARG B 68 9.71 21.16 4.01
C ARG B 68 10.56 21.24 5.27
N VAL B 69 10.00 20.79 6.39
CA VAL B 69 10.70 20.80 7.68
C VAL B 69 10.52 19.45 8.37
N ILE B 70 11.62 18.75 8.58
CA ILE B 70 11.61 17.45 9.25
C ILE B 70 12.38 17.57 10.56
N PRO B 71 11.68 17.49 11.71
CA PRO B 71 12.33 17.59 13.01
C PRO B 71 13.51 16.64 13.18
N ASP B 72 14.60 17.15 13.74
CA ASP B 72 15.82 16.39 13.96
C ASP B 72 16.50 16.00 12.64
N PHE B 73 16.23 16.73 11.56
CA PHE B 73 16.89 16.48 10.27
C PHE B 73 17.20 17.78 9.52
N VAL B 74 16.19 18.39 8.88
CA VAL B 74 16.42 19.61 8.08
C VAL B 74 15.28 20.62 8.14
N CYS B 75 15.63 21.88 7.90
CA CYS B 75 14.67 22.93 7.54
C CYS B 75 14.98 23.31 6.09
N GLN B 76 14.07 23.01 5.18
CA GLN B 76 14.32 23.20 3.75
C GLN B 76 13.45 24.31 3.14
N GLY B 77 14.09 25.16 2.34
CA GLY B 77 13.41 26.23 1.61
C GLY B 77 14.15 26.56 0.34
N GLY B 78 13.92 27.78 -0.17
CA GLY B 78 14.63 28.27 -1.34
C GLY B 78 14.04 27.89 -2.68
N ASP B 79 12.85 27.27 -2.68
CA ASP B 79 12.14 27.02 -3.94
C ASP B 79 11.42 28.30 -4.36
N ILE B 80 12.18 29.20 -4.98
CA ILE B 80 11.69 30.54 -5.29
C ILE B 80 10.76 30.63 -6.52
N THR B 81 10.60 29.52 -7.25
CA THR B 81 9.74 29.50 -8.43
C THR B 81 8.41 28.75 -8.22
N LYS B 82 8.46 27.62 -7.51
CA LYS B 82 7.27 26.78 -7.28
C LYS B 82 6.82 26.72 -5.81
N HIS B 83 7.72 27.04 -4.88
CA HIS B 83 7.42 27.07 -3.45
C HIS B 83 6.92 25.74 -2.86
N ASP B 84 7.29 24.62 -3.48
CA ASP B 84 6.87 23.29 -3.00
C ASP B 84 7.94 22.20 -3.11
N GLY B 85 9.16 22.57 -3.52
CA GLY B 85 10.24 21.61 -3.70
C GLY B 85 10.47 21.15 -5.13
N THR B 86 9.53 21.48 -6.03
CA THR B 86 9.62 21.06 -7.44
C THR B 86 10.39 22.04 -8.32
N GLY B 87 10.69 23.23 -7.79
CA GLY B 87 11.30 24.30 -8.58
C GLY B 87 12.61 24.80 -8.01
N GLY B 88 12.94 26.05 -8.34
CA GLY B 88 14.19 26.68 -7.93
C GLY B 88 14.93 27.27 -9.11
N GLN B 89 15.80 28.24 -8.83
CA GLN B 89 16.57 28.91 -9.89
C GLN B 89 17.82 29.57 -9.31
N SER B 90 18.98 29.21 -9.85
CA SER B 90 20.24 29.83 -9.45
C SER B 90 20.58 31.01 -10.35
N ILE B 91 21.62 31.75 -9.97
CA ILE B 91 22.13 32.83 -10.81
C ILE B 91 22.85 32.29 -12.06
N TYR B 92 23.21 31.01 -12.04
CA TYR B 92 23.89 30.35 -13.15
C TYR B 92 22.94 29.61 -14.09
N GLY B 93 21.67 29.50 -13.69
CA GLY B 93 20.67 28.74 -14.45
C GLY B 93 19.76 27.95 -13.51
N ASP B 94 18.90 27.11 -14.09
CA ASP B 94 18.01 26.25 -13.28
C ASP B 94 18.74 25.03 -12.72
N LYS B 95 19.95 24.77 -13.21
CA LYS B 95 20.82 23.72 -12.69
C LYS B 95 22.28 24.17 -12.77
N PHE B 96 23.04 23.94 -11.72
CA PHE B 96 24.51 24.11 -11.78
C PHE B 96 25.22 23.00 -11.03
N GLU B 97 26.49 22.77 -11.37
CA GLU B 97 27.20 21.57 -10.95
C GLU B 97 27.58 21.58 -9.47
N ASP B 98 27.83 20.39 -8.93
CA ASP B 98 28.34 20.24 -7.57
C ASP B 98 29.78 20.73 -7.55
N GLU B 99 30.03 21.76 -6.76
CA GLU B 99 31.33 22.42 -6.73
C GLU B 99 32.38 21.52 -6.07
N ASN B 100 32.18 21.18 -4.80
CA ASN B 100 32.96 20.14 -4.12
C ASN B 100 32.22 19.65 -2.89
N PHE B 101 32.73 18.57 -2.29
CA PHE B 101 32.14 18.00 -1.08
C PHE B 101 33.14 18.01 0.08
N ASP B 102 33.92 19.10 0.16
CA ASP B 102 34.99 19.21 1.17
C ASP B 102 34.43 19.27 2.59
N VAL B 103 33.43 20.14 2.80
CA VAL B 103 32.83 20.30 4.11
C VAL B 103 31.74 19.25 4.29
N LYS B 104 31.80 18.51 5.39
CA LYS B 104 30.88 17.40 5.62
C LYS B 104 29.74 17.80 6.57
N HIS B 105 28.68 16.99 6.59
CA HIS B 105 27.51 17.26 7.41
C HIS B 105 27.76 16.76 8.84
N THR B 106 28.61 17.50 9.57
CA THR B 106 29.09 17.07 10.88
C THR B 106 28.15 17.38 12.05
N GLY B 107 27.22 18.30 11.86
CA GLY B 107 26.33 18.70 12.96
C GLY B 107 25.23 19.68 12.56
N PRO B 108 24.52 20.22 13.57
CA PRO B 108 23.43 21.17 13.31
C PRO B 108 23.91 22.52 12.82
N GLY B 109 23.01 23.26 12.18
CA GLY B 109 23.29 24.64 11.77
C GLY B 109 24.18 24.80 10.55
N LEU B 110 24.35 23.72 9.78
CA LEU B 110 25.10 23.79 8.53
C LEU B 110 24.16 24.12 7.37
N LEU B 111 24.66 24.89 6.42
CA LEU B 111 23.93 25.19 5.19
C LEU B 111 24.35 24.22 4.10
N SER B 112 23.37 23.52 3.51
CA SER B 112 23.65 22.51 2.51
C SER B 112 22.66 22.60 1.35
N MET B 113 23.17 22.40 0.13
CA MET B 113 22.35 22.53 -1.07
C MET B 113 21.43 21.33 -1.26
N ALA B 114 20.15 21.62 -1.49
CA ALA B 114 19.19 20.60 -1.88
C ALA B 114 19.39 20.29 -3.36
N ASN B 115 19.05 19.07 -3.77
CA ASN B 115 19.15 18.66 -5.16
C ASN B 115 18.30 17.42 -5.45
N GLN B 116 18.28 17.00 -6.71
CA GLN B 116 17.57 15.78 -7.11
C GLN B 116 18.51 14.85 -7.89
N GLY B 117 19.76 14.80 -7.47
CA GLY B 117 20.80 14.06 -8.18
C GLY B 117 22.03 14.94 -8.40
N GLN B 118 23.03 14.39 -9.07
CA GLN B 118 24.28 15.11 -9.30
CA GLN B 118 24.29 15.08 -9.35
C GLN B 118 24.06 16.29 -10.25
N ASN B 119 24.72 17.41 -9.92
CA ASN B 119 24.68 18.64 -10.73
C ASN B 119 23.28 19.15 -11.02
N THR B 120 22.44 19.21 -10.00
CA THR B 120 21.08 19.75 -10.12
C THR B 120 20.82 20.82 -9.05
N ASN B 121 21.87 21.54 -8.66
CA ASN B 121 21.74 22.62 -7.68
C ASN B 121 21.02 23.82 -8.31
N ASN B 122 20.17 24.48 -7.53
CA ASN B 122 19.58 25.76 -7.95
C ASN B 122 19.54 26.77 -6.80
N SER B 123 18.35 27.02 -6.23
CA SER B 123 18.22 27.93 -5.10
C SER B 123 17.84 27.22 -3.80
N GLN B 124 17.33 25.99 -3.89
CA GLN B 124 16.86 25.27 -2.71
C GLN B 124 18.02 24.91 -1.78
N PHE B 125 17.78 25.10 -0.48
CA PHE B 125 18.81 24.91 0.53
C PHE B 125 18.23 24.25 1.77
N VAL B 126 19.11 23.69 2.58
CA VAL B 126 18.75 23.09 3.86
C VAL B 126 19.61 23.70 4.96
N ILE B 127 18.97 23.96 6.10
CA ILE B 127 19.70 24.19 7.36
C ILE B 127 19.57 22.91 8.17
N THR B 128 20.70 22.28 8.49
CA THR B 128 20.69 21.00 9.18
C THR B 128 20.31 21.15 10.65
N LEU B 129 19.60 20.15 11.18
CA LEU B 129 19.20 20.12 12.58
C LEU B 129 20.05 19.12 13.39
N LYS B 130 20.78 18.25 12.69
CA LYS B 130 21.82 17.44 13.31
C LYS B 130 22.75 16.83 12.25
N LYS B 131 23.76 16.09 12.72
CA LYS B 131 24.67 15.35 11.85
C LYS B 131 23.91 14.53 10.82
N ALA B 132 24.35 14.59 9.57
CA ALA B 132 23.68 13.88 8.47
C ALA B 132 24.72 13.36 7.48
N GLU B 133 25.58 12.46 7.95
CA GLU B 133 26.67 11.90 7.16
C GLU B 133 26.22 11.21 5.87
N HIS B 134 24.99 10.69 5.86
CA HIS B 134 24.44 10.07 4.66
C HIS B 134 24.24 11.06 3.49
N LEU B 135 24.32 12.36 3.78
CA LEU B 135 24.28 13.38 2.73
C LEU B 135 25.67 13.75 2.20
N ASP B 136 26.72 13.26 2.85
CA ASP B 136 28.10 13.54 2.42
C ASP B 136 28.35 12.98 1.02
N PHE B 137 29.15 13.70 0.25
CA PHE B 137 29.46 13.35 -1.14
C PHE B 137 28.25 13.43 -2.09
N LYS B 138 27.13 13.95 -1.59
CA LYS B 138 25.89 14.07 -2.37
C LYS B 138 25.31 15.49 -2.32
N HIS B 139 25.45 16.17 -1.19
CA HIS B 139 25.00 17.56 -1.05
C HIS B 139 26.16 18.48 -0.66
N VAL B 140 26.26 19.61 -1.35
CA VAL B 140 27.36 20.56 -1.14
C VAL B 140 27.07 21.45 0.07
N VAL B 141 27.89 21.31 1.10
CA VAL B 141 27.82 22.18 2.29
C VAL B 141 28.59 23.47 1.99
N PHE B 142 27.94 24.61 2.23
CA PHE B 142 28.48 25.90 1.79
C PHE B 142 28.43 27.03 2.83
N GLY B 143 28.10 26.70 4.08
CA GLY B 143 28.03 27.71 5.14
C GLY B 143 27.52 27.18 6.46
N PHE B 144 27.31 28.09 7.41
CA PHE B 144 26.78 27.72 8.72
C PHE B 144 26.04 28.87 9.39
N VAL B 145 25.14 28.53 10.31
CA VAL B 145 24.38 29.52 11.07
C VAL B 145 25.30 30.10 12.15
N LYS B 146 25.70 31.36 11.96
CA LYS B 146 26.58 32.06 12.88
C LYS B 146 25.82 32.46 14.15
N ASP B 147 24.57 32.87 13.97
CA ASP B 147 23.72 33.29 15.07
C ASP B 147 22.25 33.09 14.69
N GLY B 148 21.41 32.86 15.69
CA GLY B 148 19.97 32.71 15.48
C GLY B 148 19.53 31.27 15.27
N MET B 149 20.16 30.33 15.96
CA MET B 149 19.72 28.94 15.95
C MET B 149 18.40 28.79 16.70
N ASP B 150 18.13 29.69 17.64
CA ASP B 150 16.83 29.74 18.32
C ASP B 150 15.69 29.89 17.31
N THR B 151 15.91 30.70 16.27
CA THR B 151 14.93 30.85 15.19
C THR B 151 14.82 29.58 14.37
N VAL B 152 15.94 28.89 14.17
CA VAL B 152 15.94 27.62 13.44
C VAL B 152 15.15 26.55 14.20
N LYS B 153 15.29 26.53 15.52
CA LYS B 153 14.56 25.58 16.36
C LYS B 153 13.06 25.90 16.40
N LYS B 154 12.72 27.19 16.27
CA LYS B 154 11.33 27.61 16.14
C LYS B 154 10.72 27.11 14.83
N ILE B 155 11.49 27.19 13.74
CA ILE B 155 11.07 26.64 12.45
C ILE B 155 10.85 25.13 12.55
N GLU B 156 11.77 24.46 13.24
CA GLU B 156 11.69 23.01 13.45
C GLU B 156 10.38 22.58 14.11
N SER B 157 9.91 23.37 15.07
CA SER B 157 8.71 23.04 15.85
C SER B 157 7.44 22.92 15.01
N PHE B 158 7.41 23.60 13.87
CA PHE B 158 6.25 23.56 12.97
C PHE B 158 6.36 22.45 11.91
N GLY B 159 7.44 21.67 11.97
CA GLY B 159 7.65 20.58 11.02
C GLY B 159 6.97 19.29 11.45
N SER B 160 7.02 18.28 10.57
CA SER B 160 6.47 16.96 10.85
C SER B 160 7.43 15.90 10.28
N PRO B 161 7.30 14.64 10.73
CA PRO B 161 8.17 13.57 10.23
C PRO B 161 8.21 13.46 8.70
N LYS B 162 7.08 13.71 8.04
CA LYS B 162 6.99 13.61 6.58
C LYS B 162 7.38 14.90 5.85
N GLY B 163 7.61 15.98 6.61
CA GLY B 163 8.07 17.24 6.04
C GLY B 163 7.04 18.34 5.99
N SER B 164 5.76 17.99 6.11
CA SER B 164 4.68 18.96 6.08
C SER B 164 4.80 19.97 7.22
N VAL B 165 4.50 21.23 6.92
CA VAL B 165 4.57 22.31 7.92
C VAL B 165 3.17 22.76 8.31
N CYS B 166 2.95 22.99 9.62
CA CYS B 166 1.64 23.36 10.14
C CYS B 166 1.47 24.88 10.30
N ARG B 167 2.47 25.64 9.85
CA ARG B 167 2.33 27.10 9.68
C ARG B 167 3.09 27.51 8.42
N ARG B 168 2.66 28.61 7.81
CA ARG B 168 3.36 29.16 6.66
C ARG B 168 4.58 29.95 7.14
N ILE B 169 5.76 29.36 6.97
CA ILE B 169 7.01 29.95 7.45
C ILE B 169 7.69 30.71 6.30
N THR B 170 7.67 32.03 6.37
CA THR B 170 8.13 32.89 5.28
C THR B 170 9.37 33.69 5.65
N ILE B 171 10.29 33.79 4.70
CA ILE B 171 11.42 34.71 4.81
C ILE B 171 10.92 36.10 4.41
N THR B 172 10.54 36.90 5.42
CA THR B 172 9.94 38.21 5.18
C THR B 172 10.97 39.27 4.79
N GLU B 173 12.22 39.06 5.18
CA GLU B 173 13.31 39.95 4.78
C GLU B 173 14.63 39.18 4.73
N CYS B 174 15.50 39.56 3.81
CA CYS B 174 16.83 38.94 3.68
C CYS B 174 17.81 39.86 2.95
N GLY B 175 19.09 39.67 3.23
CA GLY B 175 20.14 40.46 2.60
C GLY B 175 21.53 40.10 3.09
N GLN B 176 22.49 40.96 2.77
CA GLN B 176 23.88 40.79 3.18
C GLN B 176 24.24 41.86 4.22
N ILE B 177 24.96 41.46 5.26
CA ILE B 177 25.37 42.38 6.33
C ILE B 177 26.72 43.01 5.99
N PRO C 1 10.98 -12.43 -6.85
CA PRO C 1 9.93 -11.68 -6.16
C PRO C 1 10.26 -11.44 -4.69
N ILE C 2 9.46 -10.58 -4.04
CA ILE C 2 9.55 -10.39 -2.59
C ILE C 2 8.56 -11.36 -1.95
N VAL C 3 9.05 -12.16 -1.01
CA VAL C 3 8.21 -13.12 -0.30
C VAL C 3 8.33 -12.90 1.20
N GLN C 4 7.24 -13.14 1.92
CA GLN C 4 7.21 -12.98 3.37
C GLN C 4 7.44 -14.33 4.03
N ASN C 5 8.49 -14.42 4.84
CA ASN C 5 8.83 -15.67 5.53
C ASN C 5 7.97 -15.90 6.76
N LEU C 6 8.19 -17.02 7.45
CA LEU C 6 7.45 -17.36 8.67
C LEU C 6 7.60 -16.31 9.78
N GLN C 7 8.77 -15.65 9.80
CA GLN C 7 9.07 -14.64 10.82
C GLN C 7 8.51 -13.25 10.47
N GLY C 8 7.75 -13.17 9.38
CA GLY C 8 7.10 -11.92 8.99
C GLY C 8 8.00 -10.92 8.29
N GLN C 9 9.19 -11.35 7.89
CA GLN C 9 10.16 -10.49 7.22
C GLN C 9 10.01 -10.61 5.70
N MET C 10 10.04 -9.46 5.02
CA MET C 10 9.97 -9.42 3.56
C MET C 10 11.38 -9.65 3.00
N VAL C 11 11.57 -10.78 2.34
CA VAL C 11 12.87 -11.14 1.76
C VAL C 11 12.78 -11.29 0.24
N HIS C 12 13.82 -10.88 -0.47
CA HIS C 12 13.85 -10.97 -1.92
C HIS C 12 14.40 -12.32 -2.37
N GLN C 13 13.79 -12.87 -3.42
CA GLN C 13 14.30 -14.05 -4.10
C GLN C 13 14.34 -13.76 -5.59
N ALA C 14 15.28 -14.38 -6.29
CA ALA C 14 15.30 -14.32 -7.75
C ALA C 14 14.09 -15.05 -8.29
N ILE C 15 13.68 -14.70 -9.51
CA ILE C 15 12.53 -15.34 -10.14
C ILE C 15 12.76 -16.84 -10.31
N SER C 16 11.72 -17.63 -10.11
CA SER C 16 11.81 -19.07 -10.24
C SER C 16 11.76 -19.45 -11.73
N PRO C 17 12.69 -20.32 -12.17
CA PRO C 17 12.61 -20.83 -13.54
C PRO C 17 11.26 -21.48 -13.87
N ARG C 18 10.68 -22.16 -12.88
CA ARG C 18 9.34 -22.76 -13.05
C ARG C 18 8.26 -21.71 -13.35
N THR C 19 8.36 -20.55 -12.72
CA THR C 19 7.44 -19.45 -13.01
C THR C 19 7.62 -18.95 -14.44
N LEU C 20 8.87 -18.81 -14.88
CA LEU C 20 9.18 -18.42 -16.25
C LEU C 20 8.71 -19.47 -17.26
N ASN C 21 8.95 -20.74 -16.95
CA ASN C 21 8.51 -21.84 -17.80
C ASN C 21 6.99 -21.86 -17.97
N ALA C 22 6.28 -21.66 -16.86
CA ALA C 22 4.81 -21.61 -16.88
C ALA C 22 4.29 -20.42 -17.69
N TRP C 23 4.99 -19.29 -17.61
CA TRP C 23 4.65 -18.09 -18.39
C TRP C 23 4.93 -18.31 -19.87
N VAL C 24 6.05 -18.95 -20.18
CA VAL C 24 6.37 -19.33 -21.57
C VAL C 24 5.31 -20.30 -22.11
N LYS C 25 4.84 -21.21 -21.25
CA LYS C 25 3.87 -22.22 -21.65
C LYS C 25 2.53 -21.60 -22.05
N VAL C 26 2.00 -20.72 -21.21
CA VAL C 26 0.73 -20.04 -21.51
C VAL C 26 0.82 -19.20 -22.79
N VAL C 27 1.96 -18.56 -23.01
CA VAL C 27 2.17 -17.75 -24.21
C VAL C 27 2.26 -18.66 -25.45
N GLU C 28 3.02 -19.75 -25.34
CA GLU C 28 3.15 -20.70 -26.45
C GLU C 28 1.84 -21.42 -26.79
N GLU C 29 0.94 -21.54 -25.80
CA GLU C 29 -0.31 -22.27 -25.98
C GLU C 29 -1.54 -21.38 -26.22
N LYS C 30 -1.57 -20.19 -25.62
CA LYS C 30 -2.76 -19.35 -25.62
C LYS C 30 -2.61 -17.96 -26.25
N ALA C 31 -1.38 -17.57 -26.62
CA ALA C 31 -1.13 -16.19 -27.09
C ALA C 31 -2.00 -15.80 -28.30
N PHE C 32 -2.78 -14.73 -28.19
CA PHE C 32 -2.97 -13.92 -26.99
C PHE C 32 -4.45 -13.88 -26.63
N SER C 33 -4.94 -15.01 -26.12
CA SER C 33 -6.31 -15.15 -25.66
C SER C 33 -6.53 -14.36 -24.38
N PRO C 34 -7.77 -13.92 -24.12
CA PRO C 34 -8.12 -13.22 -22.87
C PRO C 34 -7.59 -13.89 -21.59
N GLU C 35 -7.54 -15.22 -21.57
CA GLU C 35 -7.11 -15.97 -20.38
C GLU C 35 -5.62 -15.83 -20.06
N VAL C 36 -4.86 -15.17 -20.93
CA VAL C 36 -3.44 -14.91 -20.68
C VAL C 36 -3.24 -13.89 -19.56
N ILE C 37 -4.16 -12.93 -19.45
CA ILE C 37 -4.00 -11.83 -18.48
C ILE C 37 -4.16 -12.30 -17.02
N PRO C 38 -5.23 -13.08 -16.73
CA PRO C 38 -5.34 -13.66 -15.38
C PRO C 38 -4.14 -14.54 -15.00
N MET C 39 -3.61 -15.29 -15.96
CA MET C 39 -2.46 -16.17 -15.72
CA MET C 39 -2.47 -16.17 -15.70
C MET C 39 -1.18 -15.36 -15.49
N PHE C 40 -1.10 -14.19 -16.10
CA PHE C 40 0.04 -13.29 -15.87
C PHE C 40 0.02 -12.77 -14.42
N SER C 41 -1.17 -12.41 -13.94
CA SER C 41 -1.34 -12.00 -12.54
C SER C 41 -1.04 -13.17 -11.60
N ALA C 42 -1.48 -14.37 -11.99
CA ALA C 42 -1.23 -15.57 -11.19
C ALA C 42 0.25 -15.88 -11.04
N LEU C 43 1.03 -15.59 -12.08
CA LEU C 43 2.46 -15.91 -12.09
C LEU C 43 3.37 -14.72 -11.72
N SER C 44 2.78 -13.66 -11.18
CA SER C 44 3.53 -12.44 -10.84
C SER C 44 3.25 -11.93 -9.42
N GLU C 45 2.85 -12.82 -8.52
CA GLU C 45 2.62 -12.46 -7.12
C GLU C 45 3.93 -12.04 -6.47
N GLY C 46 3.95 -10.83 -5.91
CA GLY C 46 5.12 -10.30 -5.23
C GLY C 46 6.29 -9.96 -6.14
N ALA C 47 6.02 -9.86 -7.45
CA ALA C 47 7.06 -9.67 -8.45
C ALA C 47 7.65 -8.26 -8.42
N THR C 48 8.97 -8.17 -8.59
CA THR C 48 9.63 -6.89 -8.77
C THR C 48 9.49 -6.45 -10.22
N PRO C 49 9.77 -5.17 -10.51
CA PRO C 49 9.86 -4.76 -11.92
C PRO C 49 10.87 -5.59 -12.73
N GLN C 50 11.97 -5.99 -12.10
CA GLN C 50 12.95 -6.87 -12.74
C GLN C 50 12.33 -8.20 -13.15
N ASP C 51 11.58 -8.81 -12.23
CA ASP C 51 10.91 -10.08 -12.51
C ASP C 51 9.93 -9.94 -13.67
N LEU C 52 9.15 -8.87 -13.66
CA LEU C 52 8.18 -8.61 -14.72
C LEU C 52 8.86 -8.46 -16.08
N ASN C 53 9.97 -7.74 -16.12
CA ASN C 53 10.77 -7.62 -17.33
C ASN C 53 11.32 -8.96 -17.80
N THR C 54 11.84 -9.75 -16.87
CA THR C 54 12.35 -11.09 -17.19
C THR C 54 11.26 -11.96 -17.81
N MET C 55 10.03 -11.88 -17.28
CA MET C 55 8.90 -12.61 -17.84
C MET C 55 8.61 -12.17 -19.28
N LEU C 56 8.52 -10.85 -19.47
CA LEU C 56 8.24 -10.29 -20.80
C LEU C 56 9.36 -10.55 -21.81
N ASN C 57 10.60 -10.58 -21.32
CA ASN C 57 11.75 -10.80 -22.21
C ASN C 57 11.90 -12.24 -22.70
N THR C 58 11.22 -13.19 -22.05
CA THR C 58 11.36 -14.61 -22.41
C THR C 58 10.55 -14.99 -23.65
N VAL C 59 9.41 -14.35 -23.87
CA VAL C 59 8.55 -14.68 -25.03
C VAL C 59 9.25 -14.41 -26.37
N GLY C 60 9.29 -15.44 -27.21
CA GLY C 60 9.78 -15.30 -28.58
C GLY C 60 8.64 -15.03 -29.53
N GLY C 61 8.94 -14.40 -30.66
CA GLY C 61 7.91 -14.04 -31.63
C GLY C 61 7.06 -12.88 -31.12
N HIS C 62 5.89 -12.70 -31.73
CA HIS C 62 4.95 -11.64 -31.33
C HIS C 62 5.62 -10.27 -31.24
N GLN C 63 6.44 -9.94 -32.24
CA GLN C 63 7.21 -8.69 -32.25
C GLN C 63 6.33 -7.45 -32.23
N ALA C 64 5.26 -7.47 -33.03
CA ALA C 64 4.31 -6.36 -33.08
C ALA C 64 3.60 -6.15 -31.73
N ALA C 65 3.27 -7.26 -31.08
CA ALA C 65 2.61 -7.22 -29.77
C ALA C 65 3.54 -6.64 -28.70
N MET C 66 4.78 -7.11 -28.67
CA MET C 66 5.76 -6.63 -27.68
C MET C 66 6.12 -5.16 -27.91
N GLN C 67 6.12 -4.72 -29.17
CA GLN C 67 6.34 -3.32 -29.49
C GLN C 67 5.18 -2.45 -28.97
N MET C 68 3.96 -2.94 -29.10
CA MET C 68 2.79 -2.25 -28.55
C MET C 68 2.82 -2.23 -27.03
N LEU C 69 3.33 -3.30 -26.42
CA LEU C 69 3.48 -3.36 -24.97
C LEU C 69 4.51 -2.34 -24.50
N LYS C 70 5.64 -2.28 -25.20
CA LYS C 70 6.68 -1.30 -24.91
C LYS C 70 6.15 0.13 -25.01
N GLU C 71 5.38 0.41 -26.04
CA GLU C 71 4.78 1.73 -26.25
C GLU C 71 3.78 2.08 -25.15
N THR C 72 2.97 1.10 -24.75
CA THR C 72 2.02 1.28 -23.66
C THR C 72 2.73 1.61 -22.35
N ILE C 73 3.80 0.86 -22.06
CA ILE C 73 4.61 1.07 -20.86
C ILE C 73 5.23 2.47 -20.84
N ASN C 74 5.76 2.90 -21.98
CA ASN C 74 6.35 4.24 -22.11
C ASN C 74 5.33 5.36 -21.89
N GLU C 75 4.10 5.15 -22.32
CA GLU C 75 3.01 6.10 -22.12
C GLU C 75 2.64 6.21 -20.64
N GLU C 76 2.48 5.06 -19.98
CA GLU C 76 2.13 5.04 -18.55
C GLU C 76 3.26 5.59 -17.69
N ALA C 77 4.51 5.32 -18.10
CA ALA C 77 5.68 5.88 -17.43
C ALA C 77 5.69 7.41 -17.52
N ALA C 78 5.37 7.93 -18.70
CA ALA C 78 5.30 9.38 -18.90
C ALA C 78 4.12 10.00 -18.14
N GLU C 79 3.00 9.26 -18.09
CA GLU C 79 1.83 9.70 -17.34
C GLU C 79 2.15 9.79 -15.84
N TRP C 80 2.90 8.82 -15.33
CA TRP C 80 3.32 8.83 -13.94
C TRP C 80 4.12 10.09 -13.62
N ASP C 81 5.10 10.41 -14.47
CA ASP C 81 5.94 11.59 -14.28
C ASP C 81 5.12 12.88 -14.36
N ARG C 82 4.14 12.91 -15.26
CA ARG C 82 3.26 14.07 -15.40
C ARG C 82 2.51 14.33 -14.10
N LEU C 83 2.03 13.27 -13.46
CA LEU C 83 1.28 13.38 -12.22
C LEU C 83 2.15 13.41 -10.96
N HIS C 84 3.41 13.00 -11.09
CA HIS C 84 4.34 12.94 -9.96
C HIS C 84 5.64 13.69 -10.25
N PRO C 85 5.60 15.04 -10.16
CA PRO C 85 6.84 15.81 -10.35
C PRO C 85 7.83 15.58 -9.21
N VAL C 86 9.12 15.67 -9.51
CA VAL C 86 10.18 15.37 -8.55
C VAL C 86 10.31 16.49 -7.51
N HIS C 87 10.43 16.10 -6.24
CA HIS C 87 10.70 17.04 -5.16
C HIS C 87 12.16 16.92 -4.78
N ALA C 88 12.85 18.05 -4.68
CA ALA C 88 14.27 18.07 -4.35
C ALA C 88 14.51 17.47 -2.97
N GLY C 89 15.64 16.79 -2.82
CA GLY C 89 16.06 16.21 -1.53
C GLY C 89 16.58 17.30 -0.59
N PRO C 90 17.39 16.93 0.40
CA PRO C 90 17.97 15.61 0.70
C PRO C 90 16.97 14.56 1.19
N ILE C 91 17.34 13.29 1.04
CA ILE C 91 16.53 12.18 1.52
C ILE C 91 16.74 12.01 3.02
N ALA C 92 15.66 11.80 3.76
CA ALA C 92 15.72 11.65 5.21
C ALA C 92 16.22 10.25 5.59
N PRO C 93 16.72 10.09 6.83
CA PRO C 93 17.17 8.78 7.29
C PRO C 93 16.10 7.69 7.14
N GLY C 94 16.47 6.57 6.54
CA GLY C 94 15.57 5.44 6.34
C GLY C 94 14.47 5.70 5.32
N GLN C 95 14.67 6.67 4.43
CA GLN C 95 13.71 6.96 3.37
C GLN C 95 14.32 6.72 2.00
N MET C 96 13.44 6.69 1.00
CA MET C 96 13.82 6.44 -0.40
C MET C 96 13.54 7.69 -1.23
N ARG C 97 14.30 7.87 -2.31
CA ARG C 97 13.97 8.88 -3.30
C ARG C 97 12.67 8.51 -4.01
N GLU C 98 11.99 9.50 -4.57
CA GLU C 98 10.73 9.28 -5.27
C GLU C 98 10.98 8.52 -6.58
N PRO C 99 10.20 7.44 -6.83
CA PRO C 99 10.39 6.70 -8.07
C PRO C 99 9.83 7.43 -9.29
N ARG C 100 10.63 7.52 -10.36
CA ARG C 100 10.16 8.07 -11.62
CA ARG C 100 10.19 8.06 -11.64
C ARG C 100 9.52 6.95 -12.45
N GLY C 101 8.90 7.33 -13.56
CA GLY C 101 8.25 6.37 -14.45
C GLY C 101 9.18 5.25 -14.88
N SER C 102 10.40 5.61 -15.29
CA SER C 102 11.41 4.64 -15.74
C SER C 102 11.95 3.78 -14.60
N ASP C 103 11.87 4.28 -13.37
CA ASP C 103 12.23 3.48 -12.19
C ASP C 103 11.21 2.37 -11.95
N ILE C 104 9.94 2.70 -12.12
CA ILE C 104 8.85 1.74 -11.92
C ILE C 104 8.90 0.63 -12.98
N ALA C 105 9.22 1.01 -14.22
CA ALA C 105 9.33 0.05 -15.33
C ALA C 105 10.62 -0.76 -15.31
N GLY C 106 11.47 -0.55 -14.30
CA GLY C 106 12.69 -1.33 -14.14
C GLY C 106 13.78 -0.97 -15.14
N THR C 107 13.73 0.25 -15.68
CA THR C 107 14.69 0.69 -16.67
C THR C 107 15.86 1.40 -16.00
N THR C 108 15.56 2.38 -15.17
CA THR C 108 16.59 3.22 -14.54
C THR C 108 16.87 2.87 -13.07
N SER C 109 15.99 2.09 -12.44
CA SER C 109 16.14 1.72 -11.04
C SER C 109 17.01 0.48 -10.88
N THR C 110 17.76 0.42 -9.77
CA THR C 110 18.52 -0.78 -9.42
C THR C 110 17.59 -1.78 -8.73
N LEU C 111 18.03 -3.02 -8.60
CA LEU C 111 17.27 -4.03 -7.89
C LEU C 111 17.10 -3.64 -6.42
N GLN C 112 18.19 -3.19 -5.81
CA GLN C 112 18.17 -2.72 -4.41
C GLN C 112 17.10 -1.64 -4.19
N GLU C 113 17.02 -0.69 -5.12
CA GLU C 113 16.01 0.38 -5.04
C GLU C 113 14.58 -0.16 -5.17
N GLN C 114 14.38 -1.09 -6.08
CA GLN C 114 13.08 -1.76 -6.24
C GLN C 114 12.67 -2.49 -4.96
N ILE C 115 13.63 -3.19 -4.35
CA ILE C 115 13.40 -3.89 -3.08
C ILE C 115 13.13 -2.88 -1.96
N GLY C 116 13.86 -1.78 -1.97
CA GLY C 116 13.69 -0.71 -0.98
C GLY C 116 12.30 -0.09 -1.00
N TRP C 117 11.80 0.22 -2.19
CA TRP C 117 10.45 0.78 -2.32
C TRP C 117 9.38 -0.24 -1.91
N MET C 118 9.52 -1.47 -2.39
CA MET C 118 8.52 -2.51 -2.15
C MET C 118 8.43 -2.95 -0.68
N THR C 119 9.56 -2.93 0.02
CA THR C 119 9.62 -3.37 1.43
C THR C 119 9.63 -2.19 2.42
N HIS C 120 9.41 -0.97 1.94
CA HIS C 120 9.32 0.21 2.80
C HIS C 120 8.06 0.14 3.66
N ASN C 121 8.03 0.90 4.75
CA ASN C 121 6.85 1.03 5.59
C ASN C 121 6.42 2.49 5.73
N PRO C 122 5.35 2.90 5.04
CA PRO C 122 4.51 2.13 4.13
C PRO C 122 5.21 1.85 2.80
N PRO C 123 4.81 0.78 2.10
CA PRO C 123 5.50 0.40 0.86
C PRO C 123 5.08 1.24 -0.34
N ILE C 124 6.04 1.53 -1.21
CA ILE C 124 5.76 2.10 -2.52
C ILE C 124 5.77 0.91 -3.47
N PRO C 125 4.58 0.41 -3.86
CA PRO C 125 4.51 -0.86 -4.58
C PRO C 125 4.81 -0.72 -6.07
N VAL C 126 6.08 -0.45 -6.39
CA VAL C 126 6.51 -0.26 -7.78
C VAL C 126 6.25 -1.51 -8.64
N GLY C 127 6.32 -2.68 -8.02
CA GLY C 127 5.99 -3.93 -8.71
C GLY C 127 4.54 -3.96 -9.16
N GLU C 128 3.62 -3.62 -8.25
CA GLU C 128 2.19 -3.63 -8.55
C GLU C 128 1.79 -2.53 -9.53
N ILE C 129 2.43 -1.36 -9.44
CA ILE C 129 2.15 -0.26 -10.36
C ILE C 129 2.56 -0.63 -11.78
N TYR C 130 3.75 -1.21 -11.93
CA TYR C 130 4.24 -1.62 -13.23
C TYR C 130 3.40 -2.74 -13.82
N LYS C 131 2.99 -3.68 -12.97
CA LYS C 131 2.10 -4.77 -13.36
C LYS C 131 0.81 -4.22 -13.99
N ARG C 132 0.24 -3.18 -13.39
CA ARG C 132 -0.96 -2.54 -13.93
C ARG C 132 -0.71 -1.96 -15.32
N TRP C 133 0.48 -1.37 -15.52
CA TRP C 133 0.84 -0.82 -16.82
C TRP C 133 0.98 -1.93 -17.86
N ILE C 134 1.59 -3.05 -17.45
CA ILE C 134 1.77 -4.21 -18.34
C ILE C 134 0.41 -4.82 -18.71
N ILE C 135 -0.46 -4.96 -17.72
CA ILE C 135 -1.81 -5.52 -17.92
C ILE C 135 -2.63 -4.62 -18.86
N LEU C 136 -2.44 -3.31 -18.75
CA LEU C 136 -3.05 -2.35 -19.69
C LEU C 136 -2.61 -2.68 -21.12
N GLY C 137 -1.31 -2.90 -21.29
CA GLY C 137 -0.75 -3.27 -22.59
C GLY C 137 -1.26 -4.62 -23.08
N LEU C 138 -1.32 -5.59 -22.16
CA LEU C 138 -1.83 -6.92 -22.49
C LEU C 138 -3.29 -6.88 -22.94
N ASN C 139 -4.08 -5.98 -22.34
CA ASN C 139 -5.47 -5.77 -22.75
C ASN C 139 -5.57 -5.27 -24.20
N LYS C 140 -4.64 -4.41 -24.61
CA LYS C 140 -4.57 -3.95 -26.00
C LYS C 140 -4.17 -5.10 -26.93
N ILE C 141 -3.26 -5.96 -26.48
CA ILE C 141 -2.80 -7.09 -27.29
C ILE C 141 -3.89 -8.14 -27.47
N VAL C 142 -4.63 -8.43 -26.41
CA VAL C 142 -5.78 -9.35 -26.50
C VAL C 142 -6.80 -8.80 -27.50
N ARG C 143 -7.06 -7.50 -27.42
CA ARG C 143 -7.95 -6.81 -28.35
CA ARG C 143 -7.97 -6.83 -28.35
C ARG C 143 -7.41 -6.92 -29.78
N MET C 144 -6.10 -6.73 -29.90
CA MET C 144 -5.39 -6.85 -31.19
C MET C 144 -5.51 -8.25 -31.77
N TYR C 145 -5.36 -9.28 -30.92
CA TYR C 145 -5.36 -10.68 -31.35
C TYR C 145 -6.76 -11.32 -31.41
N SER C 146 -7.78 -10.62 -30.91
CA SER C 146 -9.13 -11.17 -30.77
C SER C 146 -9.15 -12.37 -29.82
N PRO D 1 4.14 -23.52 18.62
CA PRO D 1 4.64 -22.68 17.53
C PRO D 1 4.69 -23.40 16.19
N ILE D 2 4.97 -22.66 15.13
CA ILE D 2 5.19 -23.24 13.81
C ILE D 2 6.68 -23.44 13.62
N VAL D 3 7.08 -24.65 13.25
CA VAL D 3 8.50 -24.97 12.98
C VAL D 3 8.65 -25.50 11.55
N GLN D 4 9.74 -25.12 10.90
CA GLN D 4 9.99 -25.51 9.51
C GLN D 4 10.85 -26.77 9.45
N GLN D 9 9.12 -28.25 5.46
CA GLN D 9 7.68 -28.03 5.62
C GLN D 9 7.36 -27.38 6.96
N MET D 10 6.45 -26.41 6.94
CA MET D 10 5.97 -25.76 8.16
C MET D 10 4.95 -26.65 8.86
N VAL D 11 5.27 -27.06 10.09
CA VAL D 11 4.37 -27.90 10.89
C VAL D 11 4.14 -27.29 12.26
N HIS D 12 2.96 -27.53 12.83
CA HIS D 12 2.60 -26.96 14.13
C HIS D 12 2.99 -27.90 15.27
N GLN D 13 3.48 -27.31 16.35
CA GLN D 13 3.72 -28.03 17.61
C GLN D 13 3.14 -27.21 18.74
N ALA D 14 2.68 -27.89 19.79
CA ALA D 14 2.19 -27.21 20.99
C ALA D 14 3.34 -26.52 21.70
N ILE D 15 3.03 -25.52 22.51
CA ILE D 15 4.07 -24.80 23.26
C ILE D 15 4.77 -25.74 24.25
N SER D 16 6.07 -25.53 24.45
CA SER D 16 6.86 -26.35 25.35
C SER D 16 6.71 -25.86 26.79
N PRO D 17 6.60 -26.79 27.76
CA PRO D 17 6.63 -26.39 29.17
C PRO D 17 7.90 -25.63 29.56
N ARG D 18 9.02 -25.96 28.91
CA ARG D 18 10.29 -25.29 29.16
C ARG D 18 10.24 -23.82 28.75
N THR D 19 9.54 -23.54 27.65
CA THR D 19 9.31 -22.17 27.21
C THR D 19 8.46 -21.41 28.23
N LEU D 20 7.39 -22.04 28.70
CA LEU D 20 6.51 -21.45 29.71
C LEU D 20 7.24 -21.20 31.02
N ASN D 21 8.03 -22.19 31.46
CA ASN D 21 8.83 -22.05 32.69
C ASN D 21 9.84 -20.91 32.61
N ALA D 22 10.49 -20.77 31.45
CA ALA D 22 11.47 -19.70 31.25
C ALA D 22 10.81 -18.32 31.27
N TRP D 23 9.60 -18.22 30.72
CA TRP D 23 8.84 -16.97 30.73
C TRP D 23 8.38 -16.61 32.14
N VAL D 24 7.86 -17.61 32.86
CA VAL D 24 7.43 -17.41 34.26
C VAL D 24 8.63 -16.98 35.12
N LYS D 25 9.80 -17.55 34.85
CA LYS D 25 11.02 -17.22 35.57
C LYS D 25 11.38 -15.74 35.43
N VAL D 26 11.44 -15.25 34.19
CA VAL D 26 11.85 -13.87 33.93
C VAL D 26 10.81 -12.85 34.43
N VAL D 27 9.54 -13.23 34.40
CA VAL D 27 8.46 -12.36 34.88
C VAL D 27 8.51 -12.25 36.40
N GLU D 28 8.69 -13.40 37.07
CA GLU D 28 8.72 -13.43 38.53
C GLU D 28 9.97 -12.76 39.09
N GLU D 29 11.13 -13.20 38.64
CA GLU D 29 12.41 -12.72 39.18
C GLU D 29 12.72 -11.28 38.77
N LYS D 30 12.69 -11.02 37.47
CA LYS D 30 13.08 -9.73 36.93
C LYS D 30 11.88 -8.93 36.45
N ALA D 31 10.91 -8.75 37.35
CA ALA D 31 9.67 -8.05 37.02
C ALA D 31 9.92 -6.57 36.74
N PHE D 32 9.20 -6.05 35.76
CA PHE D 32 9.28 -4.63 35.36
C PHE D 32 10.65 -4.16 34.89
N SER D 33 11.51 -5.12 34.51
CA SER D 33 12.82 -4.82 33.95
C SER D 33 12.69 -4.71 32.42
N PRO D 34 13.51 -3.87 31.79
CA PRO D 34 13.53 -3.81 30.32
C PRO D 34 13.84 -5.15 29.64
N GLU D 35 14.59 -6.03 30.30
CA GLU D 35 15.01 -7.31 29.71
C GLU D 35 13.91 -8.39 29.67
N VAL D 36 12.70 -8.06 30.11
CA VAL D 36 11.54 -8.94 29.94
C VAL D 36 11.15 -8.99 28.46
N ILE D 37 11.29 -7.88 27.76
CA ILE D 37 10.92 -7.77 26.35
C ILE D 37 11.78 -8.64 25.41
N PRO D 38 13.13 -8.55 25.51
CA PRO D 38 13.96 -9.44 24.70
C PRO D 38 13.77 -10.92 25.04
N MET D 39 13.53 -11.22 26.31
CA MET D 39 13.25 -12.60 26.73
C MET D 39 11.92 -13.07 26.13
N PHE D 40 10.93 -12.19 26.09
CA PHE D 40 9.65 -12.48 25.44
C PHE D 40 9.85 -12.80 23.95
N SER D 41 10.68 -12.00 23.29
CA SER D 41 11.00 -12.21 21.87
C SER D 41 11.80 -13.50 21.66
N ALA D 42 12.78 -13.74 22.54
CA ALA D 42 13.61 -14.94 22.45
C ALA D 42 12.80 -16.22 22.61
N LEU D 43 11.76 -16.17 23.44
CA LEU D 43 10.95 -17.36 23.75
C LEU D 43 9.73 -17.56 22.84
N SER D 44 9.51 -16.64 21.90
CA SER D 44 8.30 -16.66 21.08
C SER D 44 8.57 -16.79 19.58
N GLU D 45 9.66 -17.49 19.21
CA GLU D 45 9.99 -17.70 17.80
C GLU D 45 8.95 -18.62 17.16
N GLY D 46 8.27 -18.12 16.12
CA GLY D 46 7.26 -18.88 15.40
C GLY D 46 5.98 -19.12 16.20
N ALA D 47 5.78 -18.36 17.26
CA ALA D 47 4.65 -18.56 18.17
C ALA D 47 3.33 -18.17 17.52
N THR D 48 2.29 -18.97 17.76
CA THR D 48 0.94 -18.62 17.34
C THR D 48 0.34 -17.68 18.39
N PRO D 49 -0.77 -17.00 18.05
CA PRO D 49 -1.50 -16.22 19.06
C PRO D 49 -1.89 -17.06 20.27
N GLN D 50 -2.28 -18.32 20.04
CA GLN D 50 -2.56 -19.26 21.13
C GLN D 50 -1.37 -19.41 22.07
N ASP D 51 -0.19 -19.61 21.49
CA ASP D 51 1.04 -19.75 22.28
C ASP D 51 1.31 -18.53 23.13
N LEU D 52 1.17 -17.35 22.52
CA LEU D 52 1.43 -16.09 23.21
C LEU D 52 0.46 -15.90 24.37
N ASN D 53 -0.82 -16.21 24.15
CA ASN D 53 -1.81 -16.18 25.21
C ASN D 53 -1.48 -17.17 26.33
N THR D 54 -1.07 -18.38 25.96
CA THR D 54 -0.69 -19.40 26.96
C THR D 54 0.45 -18.90 27.82
N MET D 55 1.46 -18.27 27.20
CA MET D 55 2.58 -17.70 27.93
C MET D 55 2.10 -16.66 28.93
N LEU D 56 1.34 -15.68 28.45
CA LEU D 56 0.84 -14.58 29.28
C LEU D 56 -0.08 -15.07 30.40
N ASN D 57 -0.95 -16.02 30.09
CA ASN D 57 -1.91 -16.55 31.06
C ASN D 57 -1.29 -17.44 32.15
N THR D 58 -0.10 -17.98 31.89
CA THR D 58 0.54 -18.89 32.84
C THR D 58 1.03 -18.16 34.09
N VAL D 59 1.31 -16.87 33.96
CA VAL D 59 1.78 -16.07 35.09
C VAL D 59 0.65 -15.83 36.09
N GLY D 60 0.87 -16.26 37.33
CA GLY D 60 -0.04 -15.94 38.42
C GLY D 60 0.29 -14.57 38.98
N GLY D 61 -0.73 -13.84 39.42
CA GLY D 61 -0.55 -12.48 39.93
C GLY D 61 -0.31 -11.48 38.82
N HIS D 62 0.16 -10.29 39.18
CA HIS D 62 0.41 -9.20 38.23
C HIS D 62 -0.83 -8.87 37.39
N GLN D 63 -2.02 -9.04 37.97
CA GLN D 63 -3.27 -8.88 37.23
C GLN D 63 -3.55 -7.43 36.82
N ALA D 64 -3.04 -6.48 37.59
CA ALA D 64 -3.13 -5.06 37.22
C ALA D 64 -2.25 -4.77 36.00
N ALA D 65 -1.07 -5.40 35.95
CA ALA D 65 -0.19 -5.30 34.79
C ALA D 65 -0.81 -5.97 33.56
N MET D 66 -1.45 -7.13 33.78
CA MET D 66 -2.13 -7.85 32.70
CA MET D 66 -2.13 -7.86 32.70
C MET D 66 -3.31 -7.05 32.15
N GLN D 67 -3.99 -6.33 33.04
CA GLN D 67 -5.11 -5.47 32.64
C GLN D 67 -4.64 -4.34 31.73
N MET D 68 -3.51 -3.73 32.08
CA MET D 68 -2.89 -2.72 31.24
C MET D 68 -2.49 -3.29 29.88
N LEU D 69 -1.89 -4.48 29.91
CA LEU D 69 -1.49 -5.18 28.68
C LEU D 69 -2.72 -5.49 27.82
N LYS D 70 -3.78 -5.97 28.46
CA LYS D 70 -5.05 -6.25 27.78
C LYS D 70 -5.62 -4.98 27.12
N GLU D 71 -5.54 -3.86 27.81
CA GLU D 71 -6.02 -2.58 27.27
C GLU D 71 -5.22 -2.13 26.05
N THR D 72 -3.90 -2.33 26.09
CA THR D 72 -3.04 -2.03 24.94
C THR D 72 -3.38 -2.94 23.76
N ILE D 73 -3.59 -4.22 24.03
CA ILE D 73 -3.96 -5.20 23.00
C ILE D 73 -5.30 -4.82 22.34
N ASN D 74 -6.25 -4.38 23.14
CA ASN D 74 -7.56 -3.94 22.62
C ASN D 74 -7.48 -2.71 21.73
N GLU D 75 -6.56 -1.81 22.06
CA GLU D 75 -6.33 -0.61 21.26
C GLU D 75 -5.72 -0.94 19.90
N GLU D 76 -4.71 -1.80 19.91
CA GLU D 76 -4.07 -2.24 18.66
C GLU D 76 -4.99 -3.10 17.81
N ALA D 77 -5.83 -3.91 18.45
CA ALA D 77 -6.83 -4.72 17.74
C ALA D 77 -7.86 -3.82 17.05
N ALA D 78 -8.32 -2.80 17.76
CA ALA D 78 -9.23 -1.80 17.20
C ALA D 78 -8.57 -0.99 16.08
N GLU D 79 -7.27 -0.71 16.23
CA GLU D 79 -6.52 0.00 15.20
C GLU D 79 -6.39 -0.85 13.93
N TRP D 80 -6.16 -2.15 14.10
CA TRP D 80 -6.13 -3.08 12.97
C TRP D 80 -7.45 -3.04 12.19
N ASP D 81 -8.56 -3.13 12.92
CA ASP D 81 -9.89 -3.11 12.32
C ASP D 81 -10.18 -1.79 11.59
N ARG D 82 -9.69 -0.68 12.15
CA ARG D 82 -9.85 0.63 11.53
C ARG D 82 -9.16 0.70 10.18
N LEU D 83 -7.99 0.06 10.08
CA LEU D 83 -7.18 0.08 8.85
C LEU D 83 -7.49 -1.09 7.91
N HIS D 84 -8.18 -2.12 8.40
CA HIS D 84 -8.48 -3.31 7.60
C HIS D 84 -9.95 -3.66 7.66
N PRO D 85 -10.80 -2.92 6.91
CA PRO D 85 -12.23 -3.23 6.89
C PRO D 85 -12.53 -4.59 6.26
N VAL D 86 -13.58 -5.25 6.73
CA VAL D 86 -13.94 -6.58 6.25
C VAL D 86 -14.53 -6.51 4.86
N HIS D 87 -14.15 -7.46 4.01
CA HIS D 87 -14.73 -7.61 2.68
C HIS D 87 -15.60 -8.86 2.66
N ALA D 88 -16.74 -8.79 1.97
CA ALA D 88 -17.66 -9.91 1.90
C ALA D 88 -17.06 -11.09 1.13
N GLY D 89 -17.38 -12.31 1.58
CA GLY D 89 -16.98 -13.54 0.88
C GLY D 89 -17.77 -13.71 -0.41
N PRO D 90 -17.78 -14.93 -0.98
CA PRO D 90 -17.26 -16.21 -0.48
C PRO D 90 -15.73 -16.34 -0.53
N ILE D 91 -15.22 -17.26 0.29
CA ILE D 91 -13.78 -17.55 0.32
C ILE D 91 -13.46 -18.51 -0.82
N ALA D 92 -12.43 -18.17 -1.59
CA ALA D 92 -12.02 -19.00 -2.73
C ALA D 92 -11.28 -20.26 -2.25
N PRO D 93 -11.21 -21.30 -3.10
CA PRO D 93 -10.49 -22.52 -2.70
C PRO D 93 -9.04 -22.24 -2.31
N GLY D 94 -8.60 -22.83 -1.20
CA GLY D 94 -7.23 -22.68 -0.73
C GLY D 94 -6.88 -21.31 -0.18
N GLN D 95 -7.90 -20.53 0.18
CA GLN D 95 -7.70 -19.19 0.72
C GLN D 95 -8.30 -19.06 2.12
N MET D 96 -7.96 -17.97 2.80
CA MET D 96 -8.40 -17.71 4.16
C MET D 96 -9.29 -16.47 4.20
N ARG D 97 -10.23 -16.45 5.13
CA ARG D 97 -10.97 -15.21 5.44
C ARG D 97 -10.01 -14.18 6.03
N GLU D 98 -10.39 -12.90 5.95
CA GLU D 98 -9.56 -11.83 6.48
C GLU D 98 -9.59 -11.86 8.01
N PRO D 99 -8.41 -11.79 8.66
CA PRO D 99 -8.40 -11.77 10.12
C PRO D 99 -8.80 -10.41 10.69
N ARG D 100 -9.63 -10.41 11.73
CA ARG D 100 -9.95 -9.19 12.47
CA ARG D 100 -9.96 -9.20 12.48
C ARG D 100 -8.96 -9.03 13.62
N GLY D 101 -9.01 -7.89 14.28
CA GLY D 101 -8.13 -7.63 15.42
C GLY D 101 -8.24 -8.69 16.50
N SER D 102 -9.47 -9.13 16.78
CA SER D 102 -9.72 -10.18 17.76
C SER D 102 -9.22 -11.55 17.31
N ASP D 103 -9.08 -11.76 16.00
CA ASP D 103 -8.51 -12.99 15.47
C ASP D 103 -7.00 -13.02 15.65
N ILE D 104 -6.35 -11.88 15.42
CA ILE D 104 -4.91 -11.74 15.62
C ILE D 104 -4.55 -11.95 17.10
N ALA D 105 -5.39 -11.43 17.99
CA ALA D 105 -5.18 -11.55 19.44
C ALA D 105 -5.51 -12.95 19.99
N GLY D 106 -6.00 -13.85 19.14
CA GLY D 106 -6.30 -15.22 19.56
C GLY D 106 -7.58 -15.34 20.37
N THR D 107 -8.47 -14.38 20.24
CA THR D 107 -9.73 -14.39 20.98
C THR D 107 -10.82 -15.12 20.20
N THR D 108 -11.02 -14.74 18.95
CA THR D 108 -12.13 -15.23 18.14
C THR D 108 -11.73 -16.26 17.06
N SER D 109 -10.43 -16.41 16.82
CA SER D 109 -9.94 -17.34 15.81
C SER D 109 -9.64 -18.71 16.39
N THR D 110 -9.79 -19.75 15.58
CA THR D 110 -9.42 -21.11 15.98
C THR D 110 -7.91 -21.29 15.79
N LEU D 111 -7.36 -22.33 16.42
CA LEU D 111 -5.96 -22.68 16.20
C LEU D 111 -5.69 -22.96 14.72
N GLN D 112 -6.59 -23.71 14.09
CA GLN D 112 -6.46 -24.06 12.67
C GLN D 112 -6.42 -22.81 11.77
N GLU D 113 -7.22 -21.81 12.11
CA GLU D 113 -7.20 -20.54 11.38
C GLU D 113 -5.88 -19.81 11.57
N GLN D 114 -5.39 -19.76 12.81
CA GLN D 114 -4.10 -19.15 13.12
C GLN D 114 -2.98 -19.82 12.33
N ILE D 115 -2.97 -21.16 12.34
CA ILE D 115 -2.01 -21.93 11.56
C ILE D 115 -2.17 -21.65 10.07
N GLY D 116 -3.43 -21.56 9.62
CA GLY D 116 -3.75 -21.29 8.21
C GLY D 116 -3.18 -19.99 7.70
N TRP D 117 -3.35 -18.91 8.47
CA TRP D 117 -2.82 -17.59 8.10
C TRP D 117 -1.29 -17.57 8.11
N MET D 118 -0.68 -18.15 9.14
CA MET D 118 0.77 -18.14 9.31
C MET D 118 1.52 -18.95 8.24
N THR D 119 0.90 -20.01 7.74
CA THR D 119 1.55 -20.92 6.78
C THR D 119 1.04 -20.78 5.34
N HIS D 120 0.16 -19.81 5.10
CA HIS D 120 -0.36 -19.56 3.75
C HIS D 120 0.70 -18.95 2.85
N ASN D 121 0.50 -19.07 1.54
CA ASN D 121 1.38 -18.45 0.55
C ASN D 121 0.57 -17.48 -0.34
N PRO D 122 0.69 -16.16 -0.11
CA PRO D 122 1.49 -15.48 0.90
C PRO D 122 0.85 -15.53 2.29
N PRO D 123 1.66 -15.43 3.36
CA PRO D 123 1.14 -15.54 4.71
C PRO D 123 0.64 -14.20 5.28
N ILE D 124 -0.21 -14.31 6.31
CA ILE D 124 -0.50 -13.18 7.20
C ILE D 124 0.05 -13.58 8.56
N PRO D 125 1.19 -13.00 8.95
CA PRO D 125 1.87 -13.46 10.16
C PRO D 125 1.19 -12.96 11.45
N VAL D 126 0.04 -13.55 11.77
CA VAL D 126 -0.77 -13.11 12.90
C VAL D 126 -0.03 -13.24 14.24
N GLY D 127 0.85 -14.24 14.34
CA GLY D 127 1.68 -14.40 15.53
C GLY D 127 2.62 -13.21 15.73
N GLU D 128 3.29 -12.78 14.67
CA GLU D 128 4.21 -11.66 14.72
C GLU D 128 3.49 -10.33 14.96
N ILE D 129 2.32 -10.15 14.36
CA ILE D 129 1.54 -8.92 14.52
C ILE D 129 1.11 -8.77 15.98
N TYR D 130 0.60 -9.85 16.56
CA TYR D 130 0.17 -9.87 17.96
C TYR D 130 1.34 -9.65 18.91
N LYS D 131 2.50 -10.20 18.54
CA LYS D 131 3.74 -10.03 19.30
C LYS D 131 4.10 -8.55 19.44
N ARG D 132 3.98 -7.81 18.34
CA ARG D 132 4.25 -6.36 18.35
C ARG D 132 3.31 -5.63 19.32
N TRP D 133 2.04 -6.03 19.34
CA TRP D 133 1.06 -5.41 20.23
C TRP D 133 1.42 -5.68 21.69
N ILE D 134 1.82 -6.91 21.98
CA ILE D 134 2.20 -7.30 23.33
C ILE D 134 3.46 -6.56 23.79
N ILE D 135 4.47 -6.49 22.92
CA ILE D 135 5.70 -5.78 23.24
C ILE D 135 5.45 -4.28 23.48
N LEU D 136 4.49 -3.71 22.75
CA LEU D 136 4.07 -2.34 22.99
C LEU D 136 3.50 -2.19 24.39
N GLY D 137 2.64 -3.14 24.79
CA GLY D 137 2.06 -3.17 26.13
C GLY D 137 3.10 -3.36 27.22
N LEU D 138 4.05 -4.27 26.98
CA LEU D 138 5.14 -4.49 27.94
C LEU D 138 6.01 -3.25 28.12
N ASN D 139 6.27 -2.53 27.02
CA ASN D 139 7.01 -1.27 27.08
C ASN D 139 6.30 -0.21 27.94
N LYS D 140 4.98 -0.07 27.78
CA LYS D 140 4.19 0.84 28.59
C LYS D 140 4.35 0.55 30.09
N ILE D 141 4.24 -0.73 30.44
CA ILE D 141 4.33 -1.16 31.84
C ILE D 141 5.70 -0.85 32.43
N VAL D 142 6.75 -1.17 31.68
CA VAL D 142 8.12 -0.87 32.09
C VAL D 142 8.37 0.65 32.16
N ARG D 143 7.81 1.38 31.20
CA ARG D 143 8.00 2.83 31.09
C ARG D 143 7.57 3.59 32.35
N MET D 144 6.44 3.19 32.94
CA MET D 144 5.89 3.89 34.10
C MET D 144 6.64 3.60 35.41
N TYR D 145 7.63 2.72 35.38
CA TYR D 145 8.49 2.46 36.54
C TYR D 145 9.97 2.60 36.16
#